data_4EDY
#
_entry.id   4EDY
#
_cell.length_a   48.685
_cell.length_b   78.099
_cell.length_c   52.585
_cell.angle_alpha   90.00
_cell.angle_beta   91.74
_cell.angle_gamma   90.00
#
_symmetry.space_group_name_H-M   'P 1 21 1'
#
loop_
_entity.id
_entity.type
_entity.pdbx_description
1 polymer 'Hematopoietic prostaglandin D synthase'
2 non-polymer 'MAGNESIUM ION'
3 non-polymer GLUTATHIONE
4 non-polymer 4-[2-(hydroxymethyl)naphthalen-1-yl]-N-[2-(morpholin-4-yl)ethyl]benzamide
5 non-polymer 'DIMETHYL SULFOXIDE'
6 water water
#
_entity_poly.entity_id   1
_entity_poly.type   'polypeptide(L)'
_entity_poly.pdbx_seq_one_letter_code
;HPNYKLTYFNMRGRAEIIRYIFAYLDIQYEDHRIEQADWPEIKSTLPFGKIPILEVDGLTLHQSLAIARYLTKNTDLAGN
TEMEQCHVDAIVDTLDDFMSCFPWAEKKQDVKEQMFNELLTYNAPHLMQDLDTYLGGREWLIGNSVTWADFYWEICSTTL
LVFKPDLLDNHPRLVTLRKKVQAIPAVANWIKRRPQTKL
;
_entity_poly.pdbx_strand_id   A,B
#
loop_
_chem_comp.id
_chem_comp.type
_chem_comp.name
_chem_comp.formula
9PQ non-polymer 4-[2-(hydroxymethyl)naphthalen-1-yl]-N-[2-(morpholin-4-yl)ethyl]benzamide 'C24 H26 N2 O3'
DMS non-polymer 'DIMETHYL SULFOXIDE' 'C2 H6 O S'
GSH non-polymer GLUTATHIONE 'C10 H17 N3 O6 S'
MG non-polymer 'MAGNESIUM ION' 'Mg 2'
#
# COMPACT_ATOMS: atom_id res chain seq x y z
N PRO A 2 13.56 -16.98 14.56
CA PRO A 2 13.54 -15.69 15.25
C PRO A 2 12.44 -15.59 16.30
N ASN A 3 12.66 -14.75 17.30
CA ASN A 3 11.63 -14.46 18.30
C ASN A 3 10.69 -13.38 17.76
N TYR A 4 9.55 -13.81 17.23
CA TYR A 4 8.56 -12.91 16.64
C TYR A 4 7.48 -12.54 17.65
N LYS A 5 7.22 -11.25 17.79
CA LYS A 5 6.09 -10.76 18.60
C LYS A 5 5.25 -9.79 17.78
N LEU A 6 4.02 -10.21 17.48
CA LEU A 6 3.07 -9.38 16.75
C LEU A 6 2.18 -8.64 17.74
N THR A 7 2.08 -7.32 17.60
CA THR A 7 1.20 -6.51 18.44
C THR A 7 0.10 -5.88 17.60
N TYR A 8 -1.14 -6.08 18.01
CA TYR A 8 -2.30 -5.50 17.34
C TYR A 8 -3.48 -5.54 18.30
N PHE A 9 -4.61 -4.95 17.91
CA PHE A 9 -5.85 -5.05 18.68
C PHE A 9 -6.38 -6.48 18.65
N ASN A 10 -7.30 -6.77 19.56
CA ASN A 10 -8.04 -8.03 19.52
C ASN A 10 -9.07 -8.00 18.39
N MET A 11 -8.56 -8.13 17.17
CA MET A 11 -9.35 -8.12 15.94
C MET A 11 -8.55 -8.88 14.90
N ARG A 12 -9.22 -9.35 13.85
CA ARG A 12 -8.52 -9.83 12.67
C ARG A 12 -7.85 -8.61 12.02
N GLY A 13 -8.67 -7.69 11.53
CA GLY A 13 -8.18 -6.40 11.05
C GLY A 13 -6.99 -6.46 10.13
N ARG A 14 -6.07 -5.51 10.29
CA ARG A 14 -4.89 -5.41 9.44
C ARG A 14 -3.77 -6.39 9.82
N ALA A 15 -3.88 -7.04 10.98
CA ALA A 15 -2.86 -8.00 11.42
C ALA A 15 -3.08 -9.40 10.85
N GLU A 16 -4.30 -9.70 10.42
CA GLU A 16 -4.69 -11.06 10.07
C GLU A 16 -3.87 -11.65 8.92
N ILE A 17 -3.51 -10.83 7.93
CA ILE A 17 -2.67 -11.30 6.83
C ILE A 17 -1.34 -11.85 7.35
N ILE A 18 -0.77 -11.19 8.35
CA ILE A 18 0.45 -11.66 8.99
C ILE A 18 0.18 -12.98 9.73
N ARG A 19 -0.93 -13.03 10.45
CA ARG A 19 -1.32 -14.24 11.19
C ARG A 19 -1.50 -15.45 10.26
N TYR A 20 -2.10 -15.23 9.09
CA TYR A 20 -2.25 -16.31 8.09
C TYR A 20 -0.90 -16.83 7.62
N ILE A 21 0.00 -15.90 7.32
CA ILE A 21 1.32 -16.25 6.81
C ILE A 21 2.14 -17.05 7.82
N PHE A 22 2.14 -16.61 9.09
CA PHE A 22 2.80 -17.37 10.15
C PHE A 22 2.23 -18.79 10.25
N ALA A 23 0.90 -18.89 10.18
CA ALA A 23 0.23 -20.19 10.27
C ALA A 23 0.61 -21.10 9.11
N TYR A 24 0.53 -20.57 7.90
CA TYR A 24 0.84 -21.35 6.69
C TYR A 24 2.28 -21.85 6.69
N LEU A 25 3.21 -20.99 7.11
CA LEU A 25 4.64 -21.34 7.13
C LEU A 25 5.05 -22.08 8.40
N ASP A 26 4.11 -22.32 9.30
CA ASP A 26 4.37 -23.01 10.57
C ASP A 26 5.49 -22.33 11.35
N ILE A 27 5.38 -21.00 11.49
CA ILE A 27 6.35 -20.19 12.21
C ILE A 27 5.73 -19.76 13.54
N GLN A 28 6.38 -20.11 14.64
CA GLN A 28 5.92 -19.73 15.97
C GLN A 28 6.08 -18.23 16.18
N TYR A 29 5.09 -17.62 16.80
CA TYR A 29 5.13 -16.20 17.14
C TYR A 29 4.21 -15.91 18.33
N GLU A 30 4.47 -14.79 19.01
CA GLU A 30 3.59 -14.32 20.08
C GLU A 30 2.52 -13.41 19.49
N ASP A 31 1.27 -13.87 19.54
CA ASP A 31 0.15 -13.08 19.03
C ASP A 31 -0.36 -12.18 20.15
N HIS A 32 0.30 -11.04 20.34
CA HIS A 32 -0.04 -10.14 21.44
C HIS A 32 -1.18 -9.21 21.05
N ARG A 33 -2.27 -9.30 21.80
CA ARG A 33 -3.45 -8.47 21.57
C ARG A 33 -3.59 -7.47 22.73
N ILE A 34 -3.51 -6.19 22.39
CA ILE A 34 -3.47 -5.14 23.42
C ILE A 34 -4.82 -4.89 24.06
N GLU A 35 -4.79 -4.27 25.24
CA GLU A 35 -6.00 -3.88 25.95
C GLU A 35 -6.38 -2.47 25.50
N GLN A 36 -7.68 -2.22 25.35
CA GLN A 36 -8.16 -0.91 24.89
C GLN A 36 -7.85 0.21 25.88
N ALA A 37 -7.77 -0.13 27.16
CA ALA A 37 -7.38 0.83 28.20
C ALA A 37 -5.90 1.20 28.11
N ASP A 38 -5.09 0.30 27.55
CA ASP A 38 -3.65 0.52 27.41
C ASP A 38 -3.26 1.16 26.08
N TRP A 39 -4.23 1.42 25.20
CA TRP A 39 -3.92 1.95 23.87
C TRP A 39 -3.37 3.39 23.88
N PRO A 40 -3.98 4.31 24.67
CA PRO A 40 -3.44 5.67 24.73
C PRO A 40 -1.97 5.74 25.18
N GLU A 41 -1.57 4.84 26.06
CA GLU A 41 -0.19 4.79 26.56
C GLU A 41 0.74 4.17 25.54
N ILE A 42 0.35 3.01 25.01
CA ILE A 42 1.19 2.24 24.08
C ILE A 42 1.41 2.95 22.74
N LYS A 43 0.47 3.80 22.34
CA LYS A 43 0.55 4.51 21.05
C LYS A 43 1.82 5.35 20.92
N SER A 44 2.26 5.96 22.02
CA SER A 44 3.43 6.84 22.02
C SER A 44 4.77 6.11 21.86
N THR A 45 4.78 4.78 22.00
CA THR A 45 5.97 3.97 21.81
C THR A 45 6.16 3.48 20.37
N LEU A 46 5.09 3.51 19.57
CA LEU A 46 5.12 2.97 18.21
C LEU A 46 5.85 3.93 17.27
N PRO A 47 6.53 3.40 16.24
CA PRO A 47 7.35 4.25 15.37
C PRO A 47 6.56 5.31 14.62
N PHE A 48 5.34 4.99 14.20
CA PHE A 48 4.46 5.94 13.53
C PHE A 48 3.07 6.00 14.17
N GLY A 49 2.98 5.56 15.43
CA GLY A 49 1.74 5.63 16.19
C GLY A 49 0.65 4.67 15.71
N LYS A 50 1.02 3.68 14.91
CA LYS A 50 0.06 2.75 14.32
C LYS A 50 0.43 1.31 14.63
N ILE A 51 -0.57 0.44 14.59
CA ILE A 51 -0.39 -1.01 14.67
C ILE A 51 -1.07 -1.64 13.45
N PRO A 52 -0.63 -2.85 13.04
CA PRO A 52 0.31 -3.75 13.71
C PRO A 52 1.77 -3.35 13.63
N ILE A 53 2.53 -3.82 14.61
CA ILE A 53 3.98 -3.86 14.52
C ILE A 53 4.42 -5.31 14.73
N LEU A 54 5.59 -5.66 14.21
CA LEU A 54 6.19 -6.97 14.43
C LEU A 54 7.59 -6.78 14.98
N GLU A 55 7.84 -7.30 16.17
CA GLU A 55 9.17 -7.26 16.77
C GLU A 55 9.93 -8.53 16.41
N VAL A 56 11.12 -8.37 15.83
CA VAL A 56 11.95 -9.49 15.40
C VAL A 56 13.34 -9.35 16.02
N ASP A 57 13.60 -10.15 17.06
CA ASP A 57 14.88 -10.13 17.77
C ASP A 57 15.32 -8.71 18.17
N GLY A 58 14.41 -7.98 18.83
CA GLY A 58 14.70 -6.63 19.32
C GLY A 58 14.57 -5.51 18.30
N LEU A 59 14.16 -5.85 17.08
CA LEU A 59 13.97 -4.87 16.01
C LEU A 59 12.48 -4.75 15.71
N THR A 60 11.98 -3.50 15.66
CA THR A 60 10.56 -3.26 15.43
C THR A 60 10.27 -2.99 13.96
N LEU A 61 9.33 -3.75 13.40
CA LEU A 61 8.84 -3.54 12.03
C LEU A 61 7.41 -3.04 12.09
N HIS A 62 7.01 -2.30 11.06
CA HIS A 62 5.65 -1.77 10.97
C HIS A 62 5.11 -1.89 9.55
N GLN A 63 3.84 -1.53 9.37
CA GLN A 63 3.10 -1.66 8.11
C GLN A 63 2.79 -3.13 7.76
N SER A 64 1.52 -3.49 7.83
CA SER A 64 1.09 -4.88 7.74
C SER A 64 1.51 -5.57 6.43
N LEU A 65 1.38 -4.89 5.30
CA LEU A 65 1.69 -5.48 4.01
C LEU A 65 3.20 -5.51 3.74
N ALA A 66 3.92 -4.51 4.27
CA ALA A 66 5.39 -4.53 4.22
C ALA A 66 5.91 -5.75 4.96
N ILE A 67 5.34 -6.00 6.14
CA ILE A 67 5.70 -7.15 6.96
C ILE A 67 5.30 -8.46 6.27
N ALA A 68 4.07 -8.52 5.76
CA ALA A 68 3.58 -9.68 5.03
C ALA A 68 4.49 -10.04 3.86
N ARG A 69 4.92 -9.02 3.11
CA ARG A 69 5.80 -9.22 1.97
C ARG A 69 7.16 -9.76 2.41
N TYR A 70 7.68 -9.21 3.51
CA TYR A 70 8.95 -9.65 4.07
C TYR A 70 8.91 -11.12 4.48
N LEU A 71 7.83 -11.52 5.15
CA LEU A 71 7.68 -12.89 5.65
C LEU A 71 7.48 -13.92 4.54
N THR A 72 6.95 -13.50 3.39
CA THR A 72 6.70 -14.41 2.27
C THR A 72 7.84 -14.44 1.25
N LYS A 73 8.83 -13.57 1.41
CA LYS A 73 10.02 -13.57 0.54
C LYS A 73 10.67 -14.95 0.54
N ASN A 74 10.96 -15.46 -0.66
CA ASN A 74 11.62 -16.76 -0.82
C ASN A 74 10.79 -17.94 -0.30
N THR A 75 9.46 -17.78 -0.27
CA THR A 75 8.56 -18.87 0.09
C THR A 75 7.59 -19.12 -1.07
N ASP A 76 6.84 -20.22 -0.97
CA ASP A 76 5.88 -20.57 -2.01
C ASP A 76 4.66 -19.64 -2.05
N LEU A 77 4.49 -18.80 -1.03
CA LEU A 77 3.42 -17.80 -1.02
C LEU A 77 3.76 -16.56 -1.86
N ALA A 78 5.04 -16.40 -2.18
CA ALA A 78 5.46 -15.33 -3.08
C ALA A 78 5.13 -15.72 -4.52
N GLY A 79 4.99 -14.73 -5.38
CA GLY A 79 4.88 -14.97 -6.82
C GLY A 79 6.10 -15.72 -7.32
N ASN A 80 5.91 -16.56 -8.33
CA ASN A 80 6.98 -17.43 -8.85
C ASN A 80 7.98 -16.68 -9.71
N THR A 81 7.52 -15.59 -10.33
CA THR A 81 8.38 -14.69 -11.11
C THR A 81 8.26 -13.28 -10.58
N GLU A 82 9.11 -12.39 -11.08
CA GLU A 82 9.09 -10.99 -10.66
C GLU A 82 7.80 -10.29 -11.11
N MET A 83 7.31 -10.64 -12.30
CA MET A 83 6.04 -10.09 -12.79
C MET A 83 4.86 -10.62 -11.96
N GLU A 84 4.92 -11.89 -11.57
CA GLU A 84 3.89 -12.46 -10.69
C GLU A 84 3.89 -11.75 -9.33
N GLN A 85 5.08 -11.49 -8.80
CA GLN A 85 5.22 -10.73 -7.55
C GLN A 85 4.59 -9.34 -7.67
N CYS A 86 4.72 -8.73 -8.85
CA CYS A 86 4.06 -7.44 -9.12
C CYS A 86 2.55 -7.60 -9.09
N HIS A 87 2.04 -8.66 -9.72
CA HIS A 87 0.60 -8.93 -9.73
C HIS A 87 0.07 -9.14 -8.31
N VAL A 88 0.82 -9.87 -7.49
CA VAL A 88 0.43 -10.10 -6.09
C VAL A 88 0.34 -8.77 -5.34
N ASP A 89 1.40 -7.96 -5.45
CA ASP A 89 1.43 -6.64 -4.82
C ASP A 89 0.28 -5.76 -5.28
N ALA A 90 -0.04 -5.80 -6.57
CA ALA A 90 -1.10 -4.94 -7.13
C ALA A 90 -2.49 -5.35 -6.62
N ILE A 91 -2.77 -6.64 -6.61
CA ILE A 91 -4.05 -7.14 -6.09
C ILE A 91 -4.19 -6.80 -4.61
N VAL A 92 -3.12 -6.98 -3.83
CA VAL A 92 -3.15 -6.67 -2.41
C VAL A 92 -3.40 -5.18 -2.17
N ASP A 93 -2.72 -4.31 -2.92
CA ASP A 93 -2.93 -2.87 -2.75
C ASP A 93 -4.32 -2.41 -3.20
N THR A 94 -4.88 -3.05 -4.22
CA THR A 94 -6.24 -2.73 -4.67
C THR A 94 -7.26 -3.08 -3.59
N LEU A 95 -7.12 -4.25 -2.98
CA LEU A 95 -7.95 -4.63 -1.84
C LEU A 95 -7.73 -3.66 -0.67
N ASP A 96 -6.48 -3.38 -0.35
CA ASP A 96 -6.15 -2.52 0.78
C ASP A 96 -6.68 -1.10 0.59
N ASP A 97 -6.58 -0.58 -0.64
CA ASP A 97 -7.12 0.73 -0.96
C ASP A 97 -8.59 0.82 -0.59
N PHE A 98 -9.35 -0.21 -0.98
CA PHE A 98 -10.80 -0.20 -0.78
C PHE A 98 -11.17 -0.33 0.70
N MET A 99 -10.53 -1.26 1.40
CA MET A 99 -10.83 -1.45 2.82
C MET A 99 -10.47 -0.20 3.63
N SER A 100 -9.41 0.48 3.20
CA SER A 100 -8.94 1.70 3.87
C SER A 100 -9.86 2.91 3.64
N CYS A 101 -10.76 2.83 2.66
CA CYS A 101 -11.74 3.90 2.41
C CYS A 101 -12.81 4.00 3.49
N PHE A 102 -13.12 2.88 4.14
CA PHE A 102 -14.17 2.84 5.15
C PHE A 102 -13.78 3.65 6.38
N PRO A 103 -14.72 4.47 6.90
CA PRO A 103 -14.46 5.29 8.07
C PRO A 103 -14.62 4.47 9.36
N TRP A 104 -13.67 3.58 9.61
CA TRP A 104 -13.76 2.63 10.72
C TRP A 104 -13.81 3.30 12.10
N ALA A 105 -13.17 4.47 12.23
CA ALA A 105 -13.08 5.19 13.50
C ALA A 105 -14.02 6.40 13.60
N GLU A 106 -14.93 6.55 12.64
CA GLU A 106 -15.87 7.67 12.66
C GLU A 106 -16.80 7.57 13.87
N LYS A 107 -16.88 8.65 14.63
CA LYS A 107 -17.68 8.70 15.85
C LYS A 107 -19.14 9.05 15.55
N LYS A 108 -19.37 9.87 14.53
CA LYS A 108 -20.72 10.26 14.13
C LYS A 108 -21.37 9.08 13.40
N GLN A 109 -22.38 8.47 14.04
CA GLN A 109 -22.96 7.21 13.55
C GLN A 109 -23.71 7.35 12.23
N ASP A 110 -24.44 8.45 12.06
CA ASP A 110 -25.17 8.68 10.80
C ASP A 110 -24.23 8.86 9.61
N VAL A 111 -23.11 9.57 9.84
CA VAL A 111 -22.10 9.76 8.81
C VAL A 111 -21.42 8.44 8.46
N LYS A 112 -21.12 7.65 9.49
CA LYS A 112 -20.49 6.34 9.32
C LYS A 112 -21.37 5.40 8.50
N GLU A 113 -22.65 5.32 8.86
CA GLU A 113 -23.59 4.43 8.18
C GLU A 113 -23.82 4.83 6.71
N GLN A 114 -23.89 6.14 6.45
CA GLN A 114 -24.04 6.63 5.07
C GLN A 114 -22.84 6.24 4.22
N MET A 115 -21.64 6.46 4.76
CA MET A 115 -20.40 6.17 4.04
C MET A 115 -20.22 4.66 3.80
N PHE A 116 -20.46 3.86 4.83
CA PHE A 116 -20.41 2.39 4.70
C PHE A 116 -21.36 1.90 3.62
N ASN A 117 -22.60 2.36 3.67
CA ASN A 117 -23.60 1.93 2.70
C ASN A 117 -23.25 2.33 1.26
N GLU A 118 -22.73 3.54 1.09
CA GLU A 118 -22.33 4.02 -0.23
C GLU A 118 -21.21 3.16 -0.79
N LEU A 119 -20.19 2.89 0.02
CA LEU A 119 -19.06 2.07 -0.41
C LEU A 119 -19.48 0.63 -0.73
N LEU A 120 -20.39 0.08 0.07
CA LEU A 120 -20.82 -1.32 -0.09
C LEU A 120 -21.80 -1.52 -1.25
N THR A 121 -22.64 -0.53 -1.51
CA THR A 121 -23.69 -0.67 -2.53
C THR A 121 -23.25 -0.18 -3.92
N TYR A 122 -22.29 0.74 -3.97
CA TYR A 122 -21.83 1.32 -5.24
C TYR A 122 -20.42 0.84 -5.61
N ASN A 123 -19.46 1.09 -4.74
CA ASN A 123 -18.05 0.81 -5.04
C ASN A 123 -17.67 -0.68 -4.95
N ALA A 124 -18.18 -1.37 -3.93
CA ALA A 124 -17.83 -2.77 -3.69
C ALA A 124 -18.18 -3.70 -4.86
N PRO A 125 -19.40 -3.57 -5.41
CA PRO A 125 -19.77 -4.43 -6.55
C PRO A 125 -18.82 -4.31 -7.74
N HIS A 126 -18.35 -3.09 -8.04
CA HIS A 126 -17.42 -2.88 -9.14
C HIS A 126 -16.11 -3.61 -8.88
N LEU A 127 -15.63 -3.54 -7.65
CA LEU A 127 -14.41 -4.24 -7.25
C LEU A 127 -14.57 -5.76 -7.35
N MET A 128 -15.70 -6.30 -6.91
CA MET A 128 -15.95 -7.73 -7.01
C MET A 128 -15.98 -8.16 -8.48
N GLN A 129 -16.63 -7.36 -9.33
CA GLN A 129 -16.67 -7.61 -10.77
C GLN A 129 -15.28 -7.65 -11.39
N ASP A 130 -14.46 -6.64 -11.06
CA ASP A 130 -13.09 -6.58 -11.58
C ASP A 130 -12.24 -7.75 -11.10
N LEU A 131 -12.39 -8.12 -9.83
CA LEU A 131 -11.65 -9.26 -9.27
C LEU A 131 -12.06 -10.59 -9.91
N ASP A 132 -13.37 -10.77 -10.11
CA ASP A 132 -13.91 -11.99 -10.72
C ASP A 132 -13.39 -12.15 -12.15
N THR A 133 -13.45 -11.07 -12.93
CA THR A 133 -12.94 -11.07 -14.30
C THR A 133 -11.43 -11.31 -14.33
N TYR A 134 -10.72 -10.70 -13.39
CA TYR A 134 -9.28 -10.90 -13.26
C TYR A 134 -8.94 -12.37 -12.99
N LEU A 135 -9.69 -12.99 -12.07
CA LEU A 135 -9.51 -14.39 -11.74
C LEU A 135 -9.83 -15.30 -12.93
N GLY A 136 -10.93 -15.01 -13.62
CA GLY A 136 -11.38 -15.85 -14.72
C GLY A 136 -11.71 -17.25 -14.24
N GLY A 137 -11.33 -18.25 -15.03
CA GLY A 137 -11.54 -19.65 -14.67
C GLY A 137 -10.33 -20.29 -14.00
N ARG A 138 -9.37 -19.48 -13.58
CA ARG A 138 -8.12 -19.98 -13.02
C ARG A 138 -8.27 -20.38 -11.55
N GLU A 139 -7.31 -21.17 -11.07
CA GLU A 139 -7.37 -21.78 -9.74
C GLU A 139 -7.13 -20.78 -8.62
N TRP A 140 -6.17 -19.88 -8.83
CA TRP A 140 -5.81 -18.86 -7.86
C TRP A 140 -5.66 -17.52 -8.58
N LEU A 141 -5.53 -16.44 -7.80
CA LEU A 141 -5.48 -15.09 -8.39
C LEU A 141 -4.25 -14.86 -9.25
N ILE A 142 -3.09 -15.34 -8.80
CA ILE A 142 -1.84 -15.18 -9.53
C ILE A 142 -1.14 -16.52 -9.76
N GLY A 143 -0.76 -16.78 -11.00
CA GLY A 143 -0.05 -18.01 -11.35
C GLY A 143 -0.92 -19.23 -11.19
N ASN A 144 -0.29 -20.37 -10.89
CA ASN A 144 -0.99 -21.64 -10.77
C ASN A 144 -0.97 -22.22 -9.35
N SER A 145 -0.59 -21.41 -8.37
CA SER A 145 -0.60 -21.84 -6.97
C SER A 145 -0.95 -20.68 -6.03
N VAL A 146 -1.27 -21.02 -4.79
CA VAL A 146 -1.71 -20.03 -3.81
C VAL A 146 -0.61 -19.01 -3.51
N THR A 147 -1.01 -17.74 -3.40
CA THR A 147 -0.11 -16.68 -2.94
C THR A 147 -0.77 -15.96 -1.79
N TRP A 148 -0.05 -15.03 -1.16
CA TRP A 148 -0.63 -14.25 -0.07
C TRP A 148 -1.69 -13.24 -0.57
N ALA A 149 -1.75 -13.01 -1.88
CA ALA A 149 -2.88 -12.27 -2.47
C ALA A 149 -4.21 -13.02 -2.27
N ASP A 150 -4.17 -14.35 -2.40
CA ASP A 150 -5.35 -15.16 -2.17
C ASP A 150 -5.79 -15.09 -0.70
N PHE A 151 -4.82 -15.12 0.21
CA PHE A 151 -5.10 -14.96 1.64
C PHE A 151 -5.80 -13.63 1.89
N TYR A 152 -5.25 -12.56 1.31
CA TYR A 152 -5.78 -11.22 1.55
C TYR A 152 -7.18 -11.05 0.97
N TRP A 153 -7.42 -11.67 -0.19
CA TRP A 153 -8.78 -11.70 -0.74
C TRP A 153 -9.76 -12.33 0.26
N GLU A 154 -9.41 -13.49 0.79
CA GLU A 154 -10.28 -14.19 1.73
C GLU A 154 -10.49 -13.36 3.01
N ILE A 155 -9.43 -12.73 3.49
CA ILE A 155 -9.50 -11.92 4.70
C ILE A 155 -10.41 -10.70 4.53
N CYS A 156 -10.18 -9.94 3.46
CA CYS A 156 -10.98 -8.74 3.19
C CYS A 156 -12.44 -9.07 2.90
N SER A 157 -12.69 -10.09 2.08
CA SER A 157 -14.06 -10.48 1.73
C SER A 157 -14.84 -11.03 2.92
N THR A 158 -14.16 -11.70 3.84
CA THR A 158 -14.80 -12.18 5.07
C THR A 158 -15.42 -11.01 5.85
N THR A 159 -14.66 -9.92 5.96
CA THR A 159 -15.16 -8.74 6.68
C THR A 159 -16.24 -8.01 5.89
N LEU A 160 -16.05 -7.86 4.57
CA LEU A 160 -17.06 -7.24 3.73
C LEU A 160 -18.40 -7.98 3.81
N LEU A 161 -18.35 -9.31 3.88
CA LEU A 161 -19.55 -10.14 3.97
C LEU A 161 -20.32 -9.94 5.28
N VAL A 162 -19.63 -9.50 6.33
CA VAL A 162 -20.30 -9.15 7.59
C VAL A 162 -21.29 -8.01 7.37
N PHE A 163 -20.88 -7.01 6.60
CA PHE A 163 -21.69 -5.82 6.34
C PHE A 163 -22.60 -5.94 5.11
N LYS A 164 -22.23 -6.81 4.17
CA LYS A 164 -23.03 -7.04 2.97
C LYS A 164 -23.03 -8.53 2.62
N PRO A 165 -23.91 -9.31 3.27
CA PRO A 165 -23.98 -10.76 3.06
C PRO A 165 -24.24 -11.22 1.62
N ASP A 166 -24.88 -10.38 0.80
CA ASP A 166 -25.19 -10.74 -0.59
C ASP A 166 -24.11 -10.31 -1.60
N LEU A 167 -22.95 -9.90 -1.09
CA LEU A 167 -21.88 -9.33 -1.91
C LEU A 167 -21.47 -10.22 -3.09
N LEU A 168 -21.39 -11.53 -2.85
CA LEU A 168 -20.86 -12.47 -3.84
C LEU A 168 -21.94 -13.37 -4.46
N ASP A 169 -23.20 -12.95 -4.38
CA ASP A 169 -24.30 -13.74 -4.94
C ASP A 169 -24.13 -14.00 -6.44
N ASN A 170 -23.57 -13.05 -7.16
CA ASN A 170 -23.33 -13.19 -8.60
C ASN A 170 -21.87 -13.51 -8.94
N HIS A 171 -21.09 -13.92 -7.93
CA HIS A 171 -19.67 -14.22 -8.10
C HIS A 171 -19.29 -15.56 -7.45
N PRO A 172 -19.87 -16.67 -7.98
CA PRO A 172 -19.57 -17.99 -7.40
C PRO A 172 -18.10 -18.38 -7.48
N ARG A 173 -17.38 -17.90 -8.49
CA ARG A 173 -15.95 -18.19 -8.64
C ARG A 173 -15.12 -17.56 -7.51
N LEU A 174 -15.54 -16.38 -7.05
CA LEU A 174 -14.91 -15.72 -5.91
C LEU A 174 -15.25 -16.45 -4.60
N VAL A 175 -16.46 -16.99 -4.52
CA VAL A 175 -16.85 -17.82 -3.37
C VAL A 175 -16.00 -19.08 -3.31
N THR A 176 -15.82 -19.74 -4.46
CA THR A 176 -14.98 -20.93 -4.55
C THR A 176 -13.55 -20.64 -4.11
N LEU A 177 -13.01 -19.48 -4.51
CA LEU A 177 -11.67 -19.07 -4.10
C LEU A 177 -11.56 -18.93 -2.58
N ARG A 178 -12.56 -18.28 -1.97
CA ARG A 178 -12.63 -18.19 -0.51
C ARG A 178 -12.56 -19.56 0.15
N LYS A 179 -13.37 -20.49 -0.34
CA LYS A 179 -13.42 -21.84 0.21
C LYS A 179 -12.10 -22.59 0.03
N LYS A 180 -11.42 -22.36 -1.10
CA LYS A 180 -10.12 -22.99 -1.35
C LYS A 180 -9.06 -22.52 -0.35
N VAL A 181 -9.03 -21.22 -0.08
CA VAL A 181 -8.11 -20.66 0.92
C VAL A 181 -8.45 -21.21 2.31
N GLN A 182 -9.74 -21.27 2.63
CA GLN A 182 -10.21 -21.79 3.91
C GLN A 182 -9.96 -23.31 4.06
N ALA A 183 -9.76 -24.01 2.95
CA ALA A 183 -9.53 -25.45 2.96
C ALA A 183 -8.05 -25.84 3.13
N ILE A 184 -7.14 -24.88 2.98
CA ILE A 184 -5.71 -25.13 3.21
C ILE A 184 -5.54 -25.54 4.68
N PRO A 185 -4.94 -26.72 4.95
CA PRO A 185 -4.85 -27.27 6.30
C PRO A 185 -4.40 -26.27 7.38
N ALA A 186 -3.26 -25.61 7.16
CA ALA A 186 -2.71 -24.67 8.14
C ALA A 186 -3.63 -23.47 8.35
N VAL A 187 -4.28 -23.03 7.29
CA VAL A 187 -5.21 -21.89 7.38
C VAL A 187 -6.49 -22.29 8.10
N ALA A 188 -7.05 -23.44 7.71
CA ALA A 188 -8.24 -23.99 8.38
C ALA A 188 -8.01 -24.15 9.88
N ASN A 189 -6.82 -24.63 10.25
CA ASN A 189 -6.47 -24.82 11.65
C ASN A 189 -6.43 -23.48 12.40
N TRP A 190 -5.88 -22.46 11.76
CA TRP A 190 -5.84 -21.12 12.35
C TRP A 190 -7.25 -20.55 12.51
N ILE A 191 -8.06 -20.68 11.47
CA ILE A 191 -9.44 -20.18 11.49
C ILE A 191 -10.25 -20.78 12.63
N LYS A 192 -10.05 -22.06 12.92
CA LYS A 192 -10.80 -22.71 13.99
C LYS A 192 -10.26 -22.38 15.38
N ARG A 193 -8.98 -22.01 15.47
CA ARG A 193 -8.33 -21.75 16.76
C ARG A 193 -8.23 -20.28 17.14
N ARG A 194 -8.37 -19.38 16.17
CA ARG A 194 -8.19 -17.94 16.43
C ARG A 194 -9.34 -17.38 17.28
N PRO A 195 -9.10 -16.24 17.96
CA PRO A 195 -10.20 -15.59 18.67
C PRO A 195 -11.35 -15.19 17.75
N GLN A 196 -12.57 -15.44 18.19
CA GLN A 196 -13.75 -15.11 17.41
C GLN A 196 -14.16 -13.66 17.69
N THR A 197 -13.88 -12.79 16.73
CA THR A 197 -14.18 -11.37 16.83
C THR A 197 -15.01 -10.95 15.61
N LYS A 198 -15.72 -9.83 15.73
CA LYS A 198 -16.55 -9.35 14.62
C LYS A 198 -15.68 -8.93 13.44
N LEU A 199 -14.66 -8.11 13.72
CA LEU A 199 -13.76 -7.58 12.71
C LEU A 199 -12.36 -8.16 12.85
N HIS B 1 15.54 -5.91 -22.10
CA HIS B 1 15.02 -4.53 -21.92
C HIS B 1 13.68 -4.38 -22.63
N PRO B 2 12.57 -4.45 -21.88
CA PRO B 2 11.25 -4.43 -22.52
C PRO B 2 10.77 -3.03 -22.90
N ASN B 3 9.70 -2.99 -23.68
CA ASN B 3 9.04 -1.74 -24.05
C ASN B 3 8.13 -1.28 -22.92
N TYR B 4 8.37 -0.06 -22.43
CA TYR B 4 7.59 0.50 -21.33
C TYR B 4 6.73 1.67 -21.81
N LYS B 5 5.41 1.59 -21.55
CA LYS B 5 4.50 2.70 -21.78
C LYS B 5 3.75 3.01 -20.49
N LEU B 6 4.01 4.18 -19.93
CA LEU B 6 3.37 4.65 -18.71
C LEU B 6 2.19 5.55 -19.06
N THR B 7 1.00 5.21 -18.56
CA THR B 7 -0.20 6.00 -18.83
C THR B 7 -0.75 6.60 -17.54
N TYR B 8 -0.91 7.93 -17.54
CA TYR B 8 -1.42 8.66 -16.39
C TYR B 8 -1.91 10.03 -16.86
N PHE B 9 -2.48 10.80 -15.94
CA PHE B 9 -2.86 12.18 -16.21
C PHE B 9 -1.63 13.06 -16.37
N ASN B 10 -1.81 14.25 -16.92
CA ASN B 10 -0.72 15.22 -17.03
C ASN B 10 -0.45 15.87 -15.69
N MET B 11 0.22 15.13 -14.82
CA MET B 11 0.63 15.61 -13.51
C MET B 11 1.70 14.68 -12.97
N ARG B 12 2.36 15.11 -11.89
CA ARG B 12 3.30 14.23 -11.21
C ARG B 12 2.49 13.12 -10.55
N GLY B 13 1.68 13.48 -9.55
CA GLY B 13 0.76 12.56 -8.90
C GLY B 13 1.33 11.20 -8.57
N ARG B 14 0.53 10.16 -8.81
CA ARG B 14 0.91 8.79 -8.48
C ARG B 14 1.85 8.13 -9.50
N ALA B 15 2.05 8.77 -10.65
CA ALA B 15 2.98 8.25 -11.66
C ALA B 15 4.43 8.67 -11.40
N GLU B 16 4.62 9.74 -10.63
CA GLU B 16 5.95 10.35 -10.52
C GLU B 16 7.02 9.42 -9.93
N ILE B 17 6.64 8.58 -8.97
CA ILE B 17 7.61 7.63 -8.39
C ILE B 17 8.17 6.70 -9.47
N ILE B 18 7.32 6.26 -10.39
CA ILE B 18 7.75 5.44 -11.52
C ILE B 18 8.67 6.23 -12.44
N ARG B 19 8.31 7.49 -12.68
CA ARG B 19 9.12 8.37 -13.53
C ARG B 19 10.52 8.64 -12.93
N TYR B 20 10.60 8.79 -11.61
CA TYR B 20 11.91 8.94 -10.93
C TYR B 20 12.77 7.70 -11.12
N ILE B 21 12.16 6.53 -10.95
CA ILE B 21 12.87 5.26 -11.07
C ILE B 21 13.41 5.04 -12.48
N PHE B 22 12.58 5.31 -13.49
CA PHE B 22 13.03 5.25 -14.89
C PHE B 22 14.21 6.20 -15.14
N ALA B 23 14.13 7.41 -14.59
CA ALA B 23 15.19 8.40 -14.76
C ALA B 23 16.49 7.93 -14.12
N TYR B 24 16.39 7.45 -12.88
CA TYR B 24 17.57 7.02 -12.13
C TYR B 24 18.27 5.83 -12.80
N LEU B 25 17.46 4.88 -13.29
CA LEU B 25 17.99 3.67 -13.94
C LEU B 25 18.24 3.87 -15.44
N ASP B 26 17.99 5.09 -15.94
CA ASP B 26 18.18 5.43 -17.35
C ASP B 26 17.46 4.45 -18.28
N ILE B 27 16.17 4.24 -17.97
CA ILE B 27 15.31 3.35 -18.73
C ILE B 27 14.43 4.17 -19.65
N GLN B 28 14.43 3.83 -20.93
CA GLN B 28 13.58 4.50 -21.92
C GLN B 28 12.13 4.05 -21.75
N TYR B 29 11.22 5.02 -21.77
CA TYR B 29 9.80 4.72 -21.66
C TYR B 29 8.99 5.80 -22.38
N GLU B 30 7.76 5.44 -22.74
CA GLU B 30 6.81 6.41 -23.27
C GLU B 30 6.02 7.00 -22.11
N ASP B 31 6.15 8.32 -21.92
CA ASP B 31 5.44 9.03 -20.87
C ASP B 31 4.11 9.52 -21.43
N HIS B 32 3.14 8.62 -21.46
CA HIS B 32 1.84 8.90 -22.06
C HIS B 32 0.95 9.65 -21.08
N ARG B 33 0.72 10.93 -21.36
CA ARG B 33 -0.11 11.78 -20.51
C ARG B 33 -1.46 12.02 -21.18
N ILE B 34 -2.52 11.49 -20.59
CA ILE B 34 -3.85 11.62 -21.16
C ILE B 34 -4.56 12.86 -20.63
N GLU B 35 -5.49 13.37 -21.43
CA GLU B 35 -6.38 14.44 -21.01
C GLU B 35 -7.60 13.80 -20.37
N GLN B 36 -8.21 14.51 -19.42
CA GLN B 36 -9.41 14.02 -18.72
C GLN B 36 -10.51 13.57 -19.69
N ALA B 37 -10.58 14.22 -20.86
CA ALA B 37 -11.57 13.88 -21.90
C ALA B 37 -11.37 12.49 -22.53
N ASP B 38 -10.13 12.00 -22.55
CA ASP B 38 -9.82 10.69 -23.13
C ASP B 38 -9.97 9.54 -22.11
N TRP B 39 -10.16 9.88 -20.85
CA TRP B 39 -10.14 8.91 -19.75
C TRP B 39 -11.28 7.90 -19.77
N PRO B 40 -12.54 8.35 -20.03
CA PRO B 40 -13.66 7.40 -20.06
C PRO B 40 -13.40 6.17 -20.93
N GLU B 41 -12.89 6.38 -22.15
CA GLU B 41 -12.56 5.30 -23.07
C GLU B 41 -11.44 4.42 -22.53
N ILE B 42 -10.36 5.06 -22.08
CA ILE B 42 -9.20 4.33 -21.55
C ILE B 42 -9.59 3.53 -20.31
N LYS B 43 -10.35 4.16 -19.41
CA LYS B 43 -10.79 3.54 -18.17
C LYS B 43 -11.52 2.22 -18.41
N SER B 44 -12.34 2.17 -19.46
CA SER B 44 -13.16 1.00 -19.77
C SER B 44 -12.36 -0.20 -20.30
N THR B 45 -11.10 0.02 -20.68
CA THR B 45 -10.25 -1.04 -21.21
C THR B 45 -9.34 -1.67 -20.15
N LEU B 46 -9.27 -1.06 -18.97
CA LEU B 46 -8.35 -1.48 -17.91
C LEU B 46 -9.00 -2.47 -16.95
N PRO B 47 -8.26 -3.56 -16.60
CA PRO B 47 -8.74 -4.56 -15.64
C PRO B 47 -9.31 -3.99 -14.33
N PHE B 48 -8.69 -2.95 -13.77
CA PHE B 48 -9.16 -2.35 -12.51
C PHE B 48 -9.54 -0.87 -12.61
N GLY B 49 -9.53 -0.32 -13.82
CA GLY B 49 -10.12 0.99 -14.10
C GLY B 49 -9.49 2.18 -13.41
N LYS B 50 -8.22 2.05 -13.04
CA LYS B 50 -7.49 3.15 -12.41
C LYS B 50 -6.10 3.31 -13.00
N ILE B 51 -5.55 4.51 -12.86
CA ILE B 51 -4.21 4.82 -13.35
C ILE B 51 -3.36 5.36 -12.18
N PRO B 52 -2.03 5.25 -12.28
CA PRO B 52 -1.24 4.84 -13.44
C PRO B 52 -1.30 3.36 -13.77
N ILE B 53 -1.07 3.06 -15.04
CA ILE B 53 -0.76 1.70 -15.47
C ILE B 53 0.56 1.76 -16.22
N LEU B 54 1.26 0.64 -16.25
CA LEU B 54 2.48 0.51 -17.02
C LEU B 54 2.32 -0.70 -17.93
N GLU B 55 2.38 -0.47 -19.24
CA GLU B 55 2.35 -1.55 -20.21
C GLU B 55 3.78 -2.03 -20.43
N VAL B 56 4.03 -3.31 -20.12
CA VAL B 56 5.36 -3.92 -20.26
C VAL B 56 5.28 -4.94 -21.39
N ASP B 57 5.85 -4.60 -22.54
CA ASP B 57 5.66 -5.38 -23.77
C ASP B 57 4.18 -5.71 -23.99
N GLY B 58 3.32 -4.72 -23.80
CA GLY B 58 1.89 -4.85 -24.06
C GLY B 58 1.07 -5.45 -22.93
N LEU B 59 1.73 -5.88 -21.86
CA LEU B 59 1.04 -6.45 -20.69
C LEU B 59 0.82 -5.35 -19.67
N THR B 60 -0.45 -5.14 -19.30
CA THR B 60 -0.82 -4.01 -18.44
C THR B 60 -0.64 -4.31 -16.95
N LEU B 61 0.31 -3.62 -16.32
CA LEU B 61 0.47 -3.65 -14.86
C LEU B 61 -0.25 -2.44 -14.26
N HIS B 62 -0.72 -2.58 -13.02
CA HIS B 62 -1.38 -1.50 -12.31
C HIS B 62 -0.84 -1.36 -10.88
N GLN B 63 -1.32 -0.33 -10.17
CA GLN B 63 -0.86 0.03 -8.82
C GLN B 63 0.56 0.61 -8.81
N SER B 64 0.64 1.93 -8.58
CA SER B 64 1.89 2.66 -8.72
C SER B 64 3.05 2.10 -7.91
N LEU B 65 2.79 1.69 -6.66
CA LEU B 65 3.84 1.21 -5.77
C LEU B 65 4.22 -0.23 -6.06
N ALA B 66 3.26 -1.03 -6.50
CA ALA B 66 3.54 -2.38 -7.00
C ALA B 66 4.47 -2.32 -8.20
N ILE B 67 4.18 -1.38 -9.11
CA ILE B 67 5.00 -1.18 -10.31
C ILE B 67 6.38 -0.65 -9.93
N ALA B 68 6.44 0.34 -9.04
CA ALA B 68 7.70 0.89 -8.57
C ALA B 68 8.61 -0.19 -7.97
N ARG B 69 8.03 -1.02 -7.11
CA ARG B 69 8.78 -2.11 -6.48
C ARG B 69 9.30 -3.10 -7.52
N TYR B 70 8.46 -3.43 -8.49
CA TYR B 70 8.84 -4.32 -9.59
C TYR B 70 10.04 -3.78 -10.36
N LEU B 71 10.02 -2.49 -10.68
CA LEU B 71 11.10 -1.85 -11.43
C LEU B 71 12.40 -1.74 -10.63
N THR B 72 12.29 -1.68 -9.31
CA THR B 72 13.47 -1.57 -8.45
C THR B 72 14.02 -2.93 -7.98
N LYS B 73 13.33 -4.02 -8.29
CA LYS B 73 13.80 -5.36 -7.94
C LYS B 73 15.21 -5.59 -8.50
N ASN B 74 16.12 -6.06 -7.65
CA ASN B 74 17.51 -6.33 -8.02
C ASN B 74 18.31 -5.09 -8.40
N THR B 75 17.84 -3.91 -7.99
CA THR B 75 18.56 -2.65 -8.19
C THR B 75 19.01 -2.10 -6.85
N ASP B 76 19.87 -1.10 -6.90
CA ASP B 76 20.38 -0.44 -5.70
C ASP B 76 19.34 0.45 -5.01
N LEU B 77 18.15 0.59 -5.59
CA LEU B 77 17.08 1.39 -4.97
C LEU B 77 16.18 0.57 -4.05
N ALA B 78 16.31 -0.76 -4.10
CA ALA B 78 15.37 -1.67 -3.41
C ALA B 78 15.61 -1.78 -1.91
N GLY B 79 16.87 -1.63 -1.50
CA GLY B 79 17.30 -1.97 -0.15
C GLY B 79 18.31 -3.09 -0.25
N ASN B 80 19.38 -3.00 0.56
CA ASN B 80 20.54 -3.88 0.42
C ASN B 80 20.32 -5.30 0.95
N THR B 81 19.36 -5.45 1.87
CA THR B 81 19.01 -6.74 2.46
C THR B 81 17.50 -6.93 2.47
N GLU B 82 17.06 -8.15 2.79
CA GLU B 82 15.63 -8.46 2.92
C GLU B 82 14.97 -7.56 3.96
N MET B 83 15.67 -7.33 5.08
CA MET B 83 15.14 -6.47 6.14
C MET B 83 15.08 -5.01 5.71
N GLU B 84 16.11 -4.52 5.02
CA GLU B 84 16.09 -3.17 4.48
C GLU B 84 14.94 -2.97 3.50
N GLN B 85 14.69 -3.99 2.68
CA GLN B 85 13.56 -3.95 1.74
C GLN B 85 12.23 -3.78 2.47
N CYS B 86 12.09 -4.43 3.63
CA CYS B 86 10.91 -4.27 4.48
C CYS B 86 10.78 -2.84 5.00
N HIS B 87 11.89 -2.30 5.50
CA HIS B 87 11.91 -0.91 5.98
C HIS B 87 11.53 0.08 4.88
N VAL B 88 12.05 -0.17 3.67
CA VAL B 88 11.73 0.67 2.51
C VAL B 88 10.25 0.60 2.18
N ASP B 89 9.72 -0.62 2.09
CA ASP B 89 8.30 -0.84 1.84
C ASP B 89 7.42 -0.15 2.87
N ALA B 90 7.83 -0.21 4.14
CA ALA B 90 7.04 0.36 5.24
C ALA B 90 6.99 1.89 5.17
N ILE B 91 8.13 2.53 4.94
CA ILE B 91 8.16 3.99 4.81
C ILE B 91 7.30 4.44 3.63
N VAL B 92 7.40 3.71 2.51
CA VAL B 92 6.59 4.02 1.33
C VAL B 92 5.10 3.96 1.64
N ASP B 93 4.65 2.89 2.29
CA ASP B 93 3.23 2.74 2.64
C ASP B 93 2.78 3.77 3.68
N THR B 94 3.65 4.12 4.63
CA THR B 94 3.32 5.17 5.61
C THR B 94 3.07 6.50 4.91
N LEU B 95 3.93 6.86 3.96
CA LEU B 95 3.74 8.07 3.16
C LEU B 95 2.47 7.98 2.33
N ASP B 96 2.31 6.87 1.63
CA ASP B 96 1.16 6.68 0.72
C ASP B 96 -0.17 6.69 1.49
N ASP B 97 -0.17 6.13 2.70
CA ASP B 97 -1.36 6.13 3.55
C ASP B 97 -1.83 7.55 3.81
N PHE B 98 -0.89 8.42 4.18
CA PHE B 98 -1.23 9.81 4.48
C PHE B 98 -1.74 10.53 3.23
N MET B 99 -1.02 10.39 2.12
CA MET B 99 -1.41 11.06 0.87
C MET B 99 -2.79 10.58 0.39
N SER B 100 -3.10 9.31 0.63
CA SER B 100 -4.39 8.74 0.22
C SER B 100 -5.56 9.19 1.12
N CYS B 101 -5.27 9.77 2.28
CA CYS B 101 -6.31 10.30 3.16
C CYS B 101 -6.98 11.54 2.60
N PHE B 102 -6.26 12.29 1.76
CA PHE B 102 -6.78 13.52 1.18
C PHE B 102 -7.90 13.20 0.18
N PRO B 103 -9.05 13.87 0.32
CA PRO B 103 -10.16 13.64 -0.61
C PRO B 103 -9.93 14.36 -1.94
N TRP B 104 -9.07 13.78 -2.77
CA TRP B 104 -8.64 14.42 -4.02
C TRP B 104 -9.79 14.58 -5.02
N ALA B 105 -10.77 13.68 -4.97
CA ALA B 105 -11.89 13.68 -5.93
C ALA B 105 -13.25 14.00 -5.29
N GLU B 106 -13.23 14.68 -4.15
CA GLU B 106 -14.48 15.06 -3.47
C GLU B 106 -15.15 16.23 -4.18
N GLN B 109 -16.74 20.92 -3.20
CA GLN B 109 -15.98 21.81 -2.34
C GLN B 109 -16.55 21.76 -0.92
N ASP B 110 -16.19 22.73 -0.07
CA ASP B 110 -16.65 22.81 1.32
C ASP B 110 -16.08 21.68 2.19
N VAL B 111 -16.61 20.47 2.00
CA VAL B 111 -16.14 19.29 2.75
C VAL B 111 -14.70 18.92 2.37
N LYS B 112 -14.36 19.12 1.10
CA LYS B 112 -13.00 18.87 0.60
C LYS B 112 -12.01 19.86 1.23
N GLU B 113 -12.36 21.14 1.21
CA GLU B 113 -11.51 22.20 1.78
C GLU B 113 -11.31 22.00 3.29
N GLN B 114 -12.37 21.59 3.98
CA GLN B 114 -12.31 21.35 5.42
C GLN B 114 -11.37 20.17 5.75
N MET B 115 -11.51 19.08 5.00
CA MET B 115 -10.72 17.88 5.23
C MET B 115 -9.23 18.10 4.92
N PHE B 116 -8.95 18.87 3.88
CA PHE B 116 -7.57 19.23 3.53
C PHE B 116 -6.90 20.03 4.65
N ASN B 117 -7.60 21.06 5.15
CA ASN B 117 -7.06 21.90 6.21
C ASN B 117 -6.83 21.13 7.51
N GLU B 118 -7.75 20.24 7.86
CA GLU B 118 -7.59 19.38 9.03
C GLU B 118 -6.36 18.47 8.90
N LEU B 119 -6.24 17.80 7.76
CA LEU B 119 -5.11 16.90 7.53
C LEU B 119 -3.76 17.62 7.57
N LEU B 120 -3.69 18.77 6.89
CA LEU B 120 -2.44 19.53 6.80
C LEU B 120 -2.06 20.18 8.14
N THR B 121 -3.05 20.69 8.86
CA THR B 121 -2.79 21.43 10.09
C THR B 121 -2.65 20.53 11.32
N TYR B 122 -3.53 19.52 11.43
CA TYR B 122 -3.60 18.69 12.63
C TYR B 122 -2.84 17.37 12.56
N ASN B 123 -2.57 16.88 11.34
CA ASN B 123 -2.00 15.53 11.16
C ASN B 123 -0.62 15.49 10.51
N ALA B 124 -0.39 16.35 9.51
CA ALA B 124 0.88 16.35 8.79
C ALA B 124 2.10 16.61 9.69
N PRO B 125 2.04 17.61 10.58
CA PRO B 125 3.17 17.84 11.49
C PRO B 125 3.57 16.63 12.33
N HIS B 126 2.56 15.87 12.79
CA HIS B 126 2.81 14.63 13.54
C HIS B 126 3.61 13.64 12.69
N LEU B 127 3.19 13.47 11.44
CA LEU B 127 3.88 12.58 10.51
C LEU B 127 5.31 13.06 10.23
N MET B 128 5.48 14.35 10.03
CA MET B 128 6.82 14.90 9.78
C MET B 128 7.74 14.61 10.97
N GLN B 129 7.22 14.76 12.18
CA GLN B 129 7.99 14.45 13.39
C GLN B 129 8.41 12.99 13.42
N ASP B 130 7.47 12.08 13.13
CA ASP B 130 7.78 10.65 13.17
C ASP B 130 8.79 10.27 12.07
N LEU B 131 8.70 10.91 10.91
CA LEU B 131 9.66 10.68 9.82
C LEU B 131 11.06 11.17 10.20
N ASP B 132 11.13 12.36 10.80
CA ASP B 132 12.39 12.93 11.27
C ASP B 132 13.00 12.02 12.33
N THR B 133 12.18 11.60 13.29
CA THR B 133 12.63 10.68 14.33
C THR B 133 13.14 9.36 13.74
N TYR B 134 12.42 8.85 12.74
CA TYR B 134 12.82 7.62 12.06
C TYR B 134 14.17 7.79 11.35
N LEU B 135 14.33 8.93 10.69
CA LEU B 135 15.58 9.26 9.99
C LEU B 135 16.76 9.31 10.98
N GLY B 136 16.50 9.83 12.18
CA GLY B 136 17.43 9.74 13.30
C GLY B 136 18.82 10.29 13.05
N GLY B 137 18.88 11.42 12.34
CA GLY B 137 20.14 12.07 12.03
C GLY B 137 20.94 11.42 10.91
N ARG B 138 20.42 10.33 10.34
CA ARG B 138 21.13 9.59 9.29
C ARG B 138 20.95 10.28 7.95
N GLU B 139 21.70 9.83 6.94
CA GLU B 139 21.77 10.50 5.65
C GLU B 139 20.59 10.15 4.74
N TRP B 140 20.13 8.90 4.82
CA TRP B 140 18.99 8.42 4.04
C TRP B 140 18.02 7.71 4.96
N LEU B 141 16.77 7.54 4.51
CA LEU B 141 15.73 6.96 5.36
C LEU B 141 16.01 5.51 5.76
N ILE B 142 16.53 4.71 4.84
CA ILE B 142 16.93 3.32 5.12
C ILE B 142 18.38 3.07 4.70
N GLY B 143 19.17 2.52 5.63
CA GLY B 143 20.53 2.11 5.33
C GLY B 143 21.47 3.27 5.01
N ASN B 144 22.51 2.98 4.25
CA ASN B 144 23.60 3.93 3.99
C ASN B 144 23.63 4.51 2.57
N SER B 145 22.58 4.24 1.79
CA SER B 145 22.48 4.77 0.43
C SER B 145 21.03 5.03 0.06
N VAL B 146 20.83 5.78 -1.03
CA VAL B 146 19.50 6.16 -1.47
C VAL B 146 18.66 4.94 -1.84
N THR B 147 17.37 4.99 -1.48
CA THR B 147 16.39 3.99 -1.90
C THR B 147 15.18 4.70 -2.47
N TRP B 148 14.26 3.95 -3.06
CA TRP B 148 13.05 4.56 -3.61
C TRP B 148 12.11 5.10 -2.53
N ALA B 149 12.36 4.75 -1.27
CA ALA B 149 11.67 5.41 -0.16
C ALA B 149 12.06 6.89 -0.05
N ASP B 150 13.33 7.20 -0.29
CA ASP B 150 13.81 8.59 -0.30
C ASP B 150 13.19 9.35 -1.48
N PHE B 151 13.12 8.70 -2.63
CA PHE B 151 12.43 9.25 -3.79
C PHE B 151 10.99 9.60 -3.43
N TYR B 152 10.29 8.66 -2.80
CA TYR B 152 8.87 8.84 -2.51
C TYR B 152 8.66 9.91 -1.44
N TRP B 153 9.57 9.97 -0.48
CA TRP B 153 9.57 11.06 0.50
C TRP B 153 9.63 12.42 -0.19
N GLU B 154 10.57 12.58 -1.12
CA GLU B 154 10.76 13.85 -1.81
C GLU B 154 9.53 14.20 -2.65
N ILE B 155 8.95 13.19 -3.30
CA ILE B 155 7.77 13.37 -4.13
C ILE B 155 6.55 13.80 -3.31
N CYS B 156 6.29 13.07 -2.23
CA CYS B 156 5.12 13.35 -1.38
C CYS B 156 5.24 14.69 -0.68
N SER B 157 6.43 14.98 -0.15
CA SER B 157 6.66 16.25 0.54
C SER B 157 6.58 17.44 -0.42
N THR B 158 6.99 17.26 -1.68
CA THR B 158 6.84 18.31 -2.69
C THR B 158 5.36 18.69 -2.86
N THR B 159 4.50 17.68 -2.95
CA THR B 159 3.06 17.92 -3.07
C THR B 159 2.48 18.57 -1.81
N LEU B 160 2.87 18.08 -0.64
CA LEU B 160 2.40 18.66 0.63
C LEU B 160 2.81 20.14 0.76
N LEU B 161 4.02 20.47 0.32
CA LEU B 161 4.52 21.85 0.37
C LEU B 161 3.70 22.82 -0.47
N VAL B 162 3.10 22.33 -1.55
CA VAL B 162 2.21 23.14 -2.39
C VAL B 162 1.06 23.72 -1.58
N PHE B 163 0.51 22.92 -0.66
CA PHE B 163 -0.63 23.31 0.17
C PHE B 163 -0.22 23.85 1.54
N LYS B 164 0.96 23.47 2.01
CA LYS B 164 1.46 23.85 3.33
C LYS B 164 2.95 24.21 3.25
N PRO B 165 3.25 25.46 2.87
CA PRO B 165 4.64 25.90 2.72
C PRO B 165 5.53 25.79 3.96
N ASP B 166 4.92 25.81 5.15
CA ASP B 166 5.67 25.70 6.41
C ASP B 166 5.83 24.26 6.93
N LEU B 167 5.52 23.29 6.07
CA LEU B 167 5.56 21.86 6.42
C LEU B 167 6.81 21.43 7.17
N LEU B 168 7.97 21.91 6.72
CA LEU B 168 9.25 21.45 7.26
C LEU B 168 10.04 22.54 7.99
N ASP B 169 9.35 23.59 8.44
CA ASP B 169 10.00 24.68 9.16
C ASP B 169 10.63 24.24 10.49
N ASN B 170 10.09 23.19 11.10
CA ASN B 170 10.65 22.61 12.32
C ASN B 170 11.51 21.38 12.05
N HIS B 171 11.77 21.08 10.77
CA HIS B 171 12.49 19.86 10.40
C HIS B 171 13.56 20.11 9.33
N PRO B 172 14.62 20.85 9.70
CA PRO B 172 15.69 21.13 8.75
C PRO B 172 16.37 19.88 8.20
N ARG B 173 16.41 18.80 8.98
CA ARG B 173 17.01 17.55 8.51
C ARG B 173 16.19 16.91 7.38
N LEU B 174 14.87 17.11 7.41
CA LEU B 174 13.99 16.62 6.34
C LEU B 174 14.14 17.46 5.08
N VAL B 175 14.38 18.77 5.25
CA VAL B 175 14.70 19.63 4.11
C VAL B 175 16.03 19.21 3.47
N THR B 176 17.01 18.90 4.31
CA THR B 176 18.32 18.43 3.83
C THR B 176 18.20 17.13 3.02
N LEU B 177 17.37 16.20 3.49
CA LEU B 177 17.12 14.96 2.75
C LEU B 177 16.47 15.23 1.39
N ARG B 178 15.48 16.11 1.34
CA ARG B 178 14.84 16.51 0.08
C ARG B 178 15.87 17.02 -0.93
N LYS B 179 16.72 17.94 -0.47
CA LYS B 179 17.76 18.53 -1.33
C LYS B 179 18.78 17.48 -1.79
N LYS B 180 19.06 16.50 -0.95
CA LYS B 180 20.00 15.43 -1.27
C LYS B 180 19.46 14.56 -2.40
N VAL B 181 18.18 14.20 -2.31
CA VAL B 181 17.49 13.47 -3.36
C VAL B 181 17.47 14.29 -4.64
N GLN B 182 17.12 15.58 -4.51
CA GLN B 182 17.03 16.49 -5.65
C GLN B 182 18.36 16.72 -6.35
N ALA B 183 19.48 16.53 -5.64
CA ALA B 183 20.82 16.74 -6.18
C ALA B 183 21.36 15.52 -6.94
N ILE B 184 20.75 14.35 -6.75
CA ILE B 184 21.19 13.15 -7.47
C ILE B 184 21.09 13.46 -8.97
N PRO B 185 22.20 13.33 -9.72
CA PRO B 185 22.24 13.82 -11.10
C PRO B 185 21.07 13.41 -11.98
N ALA B 186 20.71 12.13 -11.97
CA ALA B 186 19.61 11.64 -12.79
C ALA B 186 18.27 12.23 -12.35
N VAL B 187 18.10 12.39 -11.04
CA VAL B 187 16.88 12.97 -10.48
C VAL B 187 16.83 14.47 -10.79
N ALA B 188 17.95 15.15 -10.55
CA ALA B 188 18.07 16.57 -10.85
C ALA B 188 17.73 16.87 -12.31
N ASN B 189 18.23 16.01 -13.20
CA ASN B 189 17.98 16.14 -14.63
C ASN B 189 16.49 16.00 -14.96
N TRP B 190 15.83 15.02 -14.35
CA TRP B 190 14.40 14.82 -14.56
C TRP B 190 13.57 15.99 -13.99
N ILE B 191 13.96 16.48 -12.82
CA ILE B 191 13.23 17.58 -12.18
C ILE B 191 13.26 18.86 -13.03
N LYS B 192 14.41 19.14 -13.64
CA LYS B 192 14.53 20.34 -14.48
C LYS B 192 13.86 20.16 -15.85
N ARG B 193 13.64 18.92 -16.27
CA ARG B 193 13.11 18.64 -17.62
C ARG B 193 11.64 18.24 -17.65
N ARG B 194 11.09 17.75 -16.54
CA ARG B 194 9.71 17.25 -16.53
C ARG B 194 8.69 18.37 -16.80
N PRO B 195 7.52 18.00 -17.33
CA PRO B 195 6.46 18.99 -17.51
C PRO B 195 6.08 19.67 -16.19
N GLN B 196 5.91 20.98 -16.24
CA GLN B 196 5.59 21.76 -15.04
C GLN B 196 4.10 21.75 -14.81
N THR B 197 3.69 21.05 -13.75
CA THR B 197 2.29 20.99 -13.35
C THR B 197 2.17 21.31 -11.87
N LYS B 198 0.98 21.69 -11.43
CA LYS B 198 0.76 22.02 -10.01
C LYS B 198 0.99 20.81 -9.13
N LEU B 199 0.32 19.70 -9.46
CA LEU B 199 0.37 18.48 -8.67
C LEU B 199 1.07 17.35 -9.42
MG MG C . -1.44 1.14 0.37
N1 GSH D . -1.41 0.85 6.33
CA1 GSH D . -1.14 0.61 7.74
C1 GSH D . -0.99 -0.88 7.97
O11 GSH D . -1.58 -1.71 7.23
O12 GSH D . -0.26 -1.31 8.88
CB1 GSH D . -2.25 1.21 8.58
CG1 GSH D . -2.04 1.01 10.08
CD1 GSH D . -3.19 1.60 10.86
OE1 GSH D . -3.74 2.85 10.50
N2 GSH D . -3.63 0.90 11.91
CA2 GSH D . -4.71 1.37 12.77
C2 GSH D . -4.22 2.25 13.86
O2 GSH D . -3.00 1.98 14.51
CB2 GSH D . -5.44 0.20 13.41
SG2 GSH D . -6.36 -0.75 12.18
N3 GSH D . -5.01 3.27 14.19
CA3 GSH D . -5.18 3.71 15.56
C3 GSH D . -4.72 5.14 15.72
O31 GSH D . -4.31 5.78 14.73
O32 GSH D . -4.74 5.70 16.84
O24 9PQ E . -12.17 -0.73 13.71
C23 9PQ E . -11.05 -0.88 13.26
N25 9PQ E . -9.99 -0.29 13.81
C26 9PQ E . -9.90 0.60 14.95
C27 9PQ E . -10.14 -0.23 16.22
N7 9PQ E . -10.53 0.70 17.30
C12 9PQ E . -9.37 1.46 17.79
C11 9PQ E . -9.83 2.43 18.87
O10 9PQ E . -10.45 1.70 19.94
C9 9PQ E . -11.56 0.92 19.51
C8 9PQ E . -11.13 -0.06 18.42
C16 9PQ E . -10.83 -1.73 12.04
C15 9PQ E . -9.55 -2.15 11.71
C14 9PQ E . -9.33 -2.93 10.59
C17 9PQ E . -11.90 -2.10 11.22
C18 9PQ E . -11.68 -2.88 10.09
C13 9PQ E . -10.39 -3.29 9.77
C19 9PQ E . -10.08 -4.13 8.59
C2 9PQ E . -9.18 -3.67 7.50
C20 9PQ E . -10.64 -5.51 8.48
C28 9PQ E . -11.55 -6.03 9.56
O29 9PQ E . -11.56 -7.46 9.58
C21 9PQ E . -10.32 -6.30 7.36
C22 9PQ E . -9.48 -5.86 6.34
C1 9PQ E . -8.91 -4.59 6.36
C6 9PQ E . -8.08 -4.19 5.34
C5 9PQ E . -7.51 -2.92 5.37
C4 9PQ E . -7.77 -2.04 6.42
C3 9PQ E . -8.59 -2.40 7.49
S DMS F . 1.11 11.23 -4.46
O DMS F . 1.72 12.61 -3.46
C1 DMS F . 2.48 10.11 -4.83
C2 DMS F . 0.05 10.14 -3.47
N1 GSH G . -3.34 3.11 -4.98
CA1 GSH G . -3.51 3.28 -6.42
C1 GSH G . -2.17 3.56 -7.05
O11 GSH G . -1.98 3.25 -8.24
O12 GSH G . -1.25 4.08 -6.40
CB1 GSH G . -4.50 4.42 -6.66
CG1 GSH G . -4.95 4.50 -8.12
CD1 GSH G . -5.91 5.64 -8.30
OE1 GSH G . -7.03 5.76 -7.45
N2 GSH G . -5.66 6.51 -9.29
CA2 GSH G . -6.52 7.64 -9.59
C2 GSH G . -7.60 7.30 -10.57
O2 GSH G . -7.45 6.19 -11.42
CB2 GSH G . -5.70 8.78 -10.19
SG2 GSH G . -4.59 9.51 -8.98
N3 GSH G . -8.66 8.09 -10.58
CA3 GSH G . -9.57 8.14 -11.72
C3 GSH G . -10.71 7.16 -11.55
O31 GSH G . -11.58 7.04 -12.43
O32 GSH G . -10.79 6.46 -10.52
#